data_9ENX
#
_entry.id   9ENX
#
_cell.length_a   42.804
_cell.length_b   81.034
_cell.length_c   71.551
_cell.angle_alpha   90.000
_cell.angle_beta   101.810
_cell.angle_gamma   90.000
#
_symmetry.space_group_name_H-M   'P 1 21 1'
#
loop_
_entity.id
_entity.type
_entity.pdbx_description
1 polymer beta-lactamase
2 non-polymer '4-(2-HYDROXYETHYL)-1-PIPERAZINE ETHANESULFONIC ACID'
3 non-polymer (4S)-2-METHYL-2,4-PENTANEDIOL
4 non-polymer 'Enmetazobactam derived trans-enamine adduct'
5 water water
#
_entity_poly.entity_id   1
_entity_poly.type   'polypeptide(L)'
_entity_poly.pdbx_seq_one_letter_code
;MAHHHHHHSSGLEVLFQGPASEKLTFKTDLEKLEREKAAQIGVAIVDPQGEIVAGHRMAQRFAMCSTFKFPLAALVFERI
DSGTERGDRKLSYGPDMIVEWSPATERFLASGHMTVLEAAQAAVQLSDNGATNLLLREIGGPAAMTQYFRKIGDSVSRLD
RKEPEMGDNTPGDLRDTTTPIAMARTVAKVLYGGALTSTSTHTIERWLIGNQTGDATLRAGFPKDWVVGEKTGTCANGGR
NDIGFFKAQERDYAVAVYTTAPKLSAVERDELVASVGQVITQLILSTDK
;
_entity_poly.pdbx_strand_id   A,B
#
# COMPACT_ATOMS: atom_id res chain seq x y z
N LYS A 23 -33.53 -6.27 -13.60
CA LYS A 23 -34.51 -6.82 -12.70
C LYS A 23 -35.30 -5.75 -11.96
N LEU A 24 -36.55 -6.10 -11.71
CA LEU A 24 -37.48 -5.17 -11.09
C LEU A 24 -37.17 -5.02 -9.61
N THR A 25 -36.79 -6.12 -8.96
CA THR A 25 -36.29 -6.04 -7.59
C THR A 25 -35.09 -5.11 -7.53
N PHE A 26 -34.18 -5.19 -8.51
CA PHE A 26 -33.00 -4.34 -8.56
C PHE A 26 -33.40 -2.87 -8.54
N LYS A 27 -34.29 -2.48 -9.45
CA LYS A 27 -34.73 -1.08 -9.52
C LYS A 27 -35.44 -0.68 -8.24
N THR A 28 -36.37 -1.52 -7.78
CA THR A 28 -37.14 -1.19 -6.59
C THR A 28 -36.27 -1.08 -5.36
N ASP A 29 -35.29 -1.98 -5.22
CA ASP A 29 -34.43 -1.93 -4.05
C ASP A 29 -33.55 -0.68 -4.07
N LEU A 30 -33.04 -0.29 -5.25
CA LEU A 30 -32.27 0.96 -5.33
C LEU A 30 -33.14 2.16 -5.02
N GLU A 31 -34.37 2.20 -5.53
CA GLU A 31 -35.24 3.34 -5.26
C GLU A 31 -35.63 3.41 -3.79
N LYS A 32 -35.75 2.26 -3.11
CA LYS A 32 -36.01 2.28 -1.68
C LYS A 32 -34.84 2.88 -0.92
N LEU A 33 -33.61 2.53 -1.30
CA LEU A 33 -32.44 3.14 -0.67
C LEU A 33 -32.40 4.63 -0.94
N GLU A 34 -32.69 5.04 -2.17
CA GLU A 34 -32.69 6.46 -2.51
C GLU A 34 -33.70 7.23 -1.66
N ARG A 35 -34.91 6.69 -1.54
CA ARG A 35 -35.95 7.40 -0.80
C ARG A 35 -35.60 7.50 0.68
N GLU A 36 -35.15 6.40 1.27
CA GLU A 36 -34.92 6.35 2.70
C GLU A 36 -33.64 7.06 3.12
N LYS A 37 -32.65 7.15 2.24
CA LYS A 37 -31.39 7.81 2.58
C LYS A 37 -31.29 9.21 1.98
N ALA A 38 -32.34 9.68 1.28
CA ALA A 38 -32.33 10.97 0.61
C ALA A 38 -31.13 11.08 -0.33
N ALA A 39 -30.96 10.05 -1.15
CA ALA A 39 -29.78 9.88 -1.99
C ALA A 39 -30.18 9.61 -3.43
N GLN A 40 -29.23 9.86 -4.34
CA GLN A 40 -29.35 9.43 -5.73
C GLN A 40 -28.24 8.45 -6.01
N ILE A 41 -28.59 7.32 -6.64
CA ILE A 41 -27.70 6.22 -6.90
C ILE A 41 -27.64 6.01 -8.40
N GLY A 42 -26.46 6.24 -8.98
CA GLY A 42 -26.22 5.92 -10.37
C GLY A 42 -25.39 4.65 -10.48
N VAL A 43 -25.90 3.70 -11.26
CA VAL A 43 -25.26 2.40 -11.42
C VAL A 43 -25.31 1.98 -12.89
N ALA A 44 -24.23 1.39 -13.37
CA ALA A 44 -24.24 0.65 -14.62
C ALA A 44 -23.39 -0.59 -14.44
N ILE A 45 -23.91 -1.71 -14.91
CA ILE A 45 -23.18 -2.96 -15.02
C ILE A 45 -23.17 -3.35 -16.49
N VAL A 46 -21.99 -3.57 -17.04
CA VAL A 46 -21.87 -4.01 -18.43
C VAL A 46 -21.03 -5.27 -18.48
N ASP A 47 -21.21 -6.02 -19.57
CA ASP A 47 -20.40 -7.20 -19.85
C ASP A 47 -19.07 -6.77 -20.48
N PRO A 48 -18.17 -7.71 -20.74
CA PRO A 48 -16.82 -7.33 -21.21
C PRO A 48 -16.82 -6.57 -22.51
N GLN A 49 -17.87 -6.70 -23.32
CA GLN A 49 -17.98 -5.96 -24.56
C GLN A 49 -18.75 -4.66 -24.42
N GLY A 50 -19.16 -4.31 -23.21
CA GLY A 50 -19.89 -3.07 -22.99
C GLY A 50 -21.39 -3.16 -23.12
N GLU A 51 -21.92 -4.37 -23.30
CA GLU A 51 -23.37 -4.53 -23.40
C GLU A 51 -23.99 -4.38 -22.03
N ILE A 52 -25.14 -3.70 -21.98
CA ILE A 52 -25.76 -3.37 -20.70
C ILE A 52 -26.34 -4.61 -20.05
N VAL A 53 -26.01 -4.81 -18.78
CA VAL A 53 -26.63 -5.82 -17.95
C VAL A 53 -27.74 -5.22 -17.08
N ALA A 54 -27.44 -4.12 -16.40
CA ALA A 54 -28.43 -3.42 -15.59
C ALA A 54 -27.92 -2.03 -15.31
N GLY A 55 -28.84 -1.17 -14.91
CA GLY A 55 -28.49 0.21 -14.61
C GLY A 55 -29.58 0.95 -13.89
N HIS A 56 -29.18 2.09 -13.30
CA HIS A 56 -30.07 3.02 -12.63
C HIS A 56 -29.47 4.41 -12.77
N ARG A 57 -30.29 5.37 -13.19
CA ARG A 57 -29.80 6.72 -13.50
C ARG A 57 -28.51 6.65 -14.30
N MET A 58 -28.46 5.73 -15.27
CA MET A 58 -27.14 5.37 -15.81
CA MET A 58 -27.20 5.33 -15.91
C MET A 58 -26.54 6.47 -16.67
N ALA A 59 -27.34 7.42 -17.17
CA ALA A 59 -26.84 8.51 -17.97
C ALA A 59 -27.01 9.85 -17.28
N GLN A 60 -27.25 9.85 -15.97
CA GLN A 60 -27.14 11.07 -15.18
C GLN A 60 -25.65 11.35 -14.92
N ARG A 61 -25.24 12.62 -15.03
CA ARG A 61 -23.86 12.97 -14.73
C ARG A 61 -23.64 13.06 -13.22
N PHE A 62 -22.50 12.51 -12.78
CA PHE A 62 -22.04 12.61 -11.39
C PHE A 62 -20.58 13.02 -11.41
N ALA A 63 -20.16 13.74 -10.38
CA ALA A 63 -18.73 14.02 -10.19
C ALA A 63 -17.94 12.72 -10.09
N MET A 64 -16.83 12.67 -10.82
CA MET A 64 -15.98 11.49 -10.77
C MET A 64 -15.28 11.30 -9.43
N CYS A 65 -14.90 12.41 -8.79
CA CYS A 65 -14.05 12.34 -7.60
CA CYS A 65 -14.06 12.32 -7.59
C CYS A 65 -12.83 11.49 -7.96
N SER A 66 -12.30 10.72 -7.02
CA SER A 66 -11.05 10.02 -7.29
C SER A 66 -11.20 8.83 -8.24
N THR A 67 -12.40 8.48 -8.70
CA THR A 67 -12.53 7.34 -9.61
C THR A 67 -11.72 7.58 -10.89
N PHE A 68 -11.47 8.83 -11.30
CA PHE A 68 -10.71 9.07 -12.52
C PHE A 68 -9.29 8.56 -12.44
N LYS A 69 -8.79 8.28 -11.23
CA LYS A 69 -7.40 7.86 -11.09
C LYS A 69 -7.17 6.48 -11.71
N PHE A 70 -8.22 5.66 -11.83
CA PHE A 70 -8.10 4.41 -12.58
C PHE A 70 -7.89 4.68 -14.07
N PRO A 71 -8.75 5.43 -14.77
CA PRO A 71 -8.45 5.82 -16.16
C PRO A 71 -7.11 6.53 -16.31
N LEU A 72 -6.71 7.34 -15.34
CA LEU A 72 -5.39 7.98 -15.40
C LEU A 72 -4.28 6.94 -15.44
N ALA A 73 -4.35 5.94 -14.58
CA ALA A 73 -3.36 4.87 -14.61
C ALA A 73 -3.40 4.13 -15.95
N ALA A 74 -4.60 3.94 -16.52
CA ALA A 74 -4.71 3.28 -17.82
C ALA A 74 -4.00 4.09 -18.91
N LEU A 75 -4.18 5.41 -18.89
CA LEU A 75 -3.48 6.28 -19.83
C LEU A 75 -1.98 6.11 -19.68
N VAL A 76 -1.50 6.08 -18.44
CA VAL A 76 -0.07 5.88 -18.20
C VAL A 76 0.39 4.55 -18.76
N PHE A 77 -0.38 3.48 -18.52
CA PHE A 77 0.02 2.18 -19.05
CA PHE A 77 -0.01 2.17 -19.04
C PHE A 77 -0.01 2.15 -20.57
N GLU A 78 -0.95 2.87 -21.19
CA GLU A 78 -0.92 2.94 -22.64
C GLU A 78 0.37 3.59 -23.14
N ARG A 79 0.83 4.66 -22.47
CA ARG A 79 2.06 5.33 -22.85
C ARG A 79 3.25 4.42 -22.60
N ILE A 80 3.22 3.65 -21.52
CA ILE A 80 4.27 2.65 -21.29
C ILE A 80 4.24 1.59 -22.38
N ASP A 81 3.04 1.10 -22.71
CA ASP A 81 2.87 0.11 -23.77
C ASP A 81 3.45 0.60 -25.10
N SER A 82 3.23 1.87 -25.43
CA SER A 82 3.66 2.43 -26.70
CA SER A 82 3.65 2.43 -26.71
C SER A 82 5.10 2.91 -26.69
N GLY A 83 5.66 3.13 -25.51
CA GLY A 83 7.03 3.63 -25.41
C GLY A 83 7.14 5.13 -25.23
N THR A 84 6.03 5.86 -25.21
CA THR A 84 6.09 7.29 -24.97
C THR A 84 6.29 7.62 -23.50
N GLU A 85 6.22 6.63 -22.63
CA GLU A 85 6.57 6.77 -21.23
C GLU A 85 7.32 5.50 -20.82
N ARG A 86 8.10 5.61 -19.75
CA ARG A 86 8.86 4.49 -19.21
C ARG A 86 8.48 4.35 -17.75
N GLY A 87 8.15 3.14 -17.32
CA GLY A 87 7.56 2.96 -16.01
C GLY A 87 8.50 3.29 -14.86
N ASP A 88 9.80 3.11 -15.05
CA ASP A 88 10.75 3.35 -13.98
C ASP A 88 11.35 4.76 -14.05
N ARG A 89 10.85 5.62 -14.94
CA ARG A 89 11.34 7.00 -15.01
C ARG A 89 11.04 7.75 -13.70
N LYS A 90 12.05 8.46 -13.21
CA LYS A 90 11.97 9.11 -11.92
C LYS A 90 11.38 10.51 -12.11
N LEU A 91 10.29 10.79 -11.39
CA LEU A 91 9.62 12.08 -11.40
C LEU A 91 9.99 12.86 -10.13
N SER A 92 10.80 13.91 -10.30
CA SER A 92 11.27 14.67 -9.15
C SER A 92 10.22 15.70 -8.75
N TYR A 93 10.19 16.00 -7.45
CA TYR A 93 9.25 16.98 -6.95
C TYR A 93 9.73 17.53 -5.62
N GLY A 94 9.08 18.63 -5.22
CA GLY A 94 9.31 19.25 -3.94
C GLY A 94 8.04 19.26 -3.11
N PRO A 95 8.08 19.90 -1.93
CA PRO A 95 6.89 19.91 -1.06
C PRO A 95 5.69 20.61 -1.65
N ASP A 96 5.89 21.44 -2.68
CA ASP A 96 4.79 22.08 -3.39
C ASP A 96 3.82 21.08 -3.98
N MET A 97 4.25 19.83 -4.18
N MET A 97 4.23 19.84 -4.20
CA MET A 97 3.40 18.80 -4.75
CA MET A 97 3.34 18.85 -4.79
C MET A 97 2.38 18.27 -3.74
C MET A 97 2.51 18.10 -3.74
N ILE A 98 2.72 18.35 -2.46
CA ILE A 98 1.91 17.73 -1.40
C ILE A 98 0.60 18.49 -1.25
N VAL A 99 -0.52 17.77 -1.38
CA VAL A 99 -1.86 18.28 -1.11
C VAL A 99 -2.52 17.30 -0.13
N GLU A 100 -3.73 17.61 0.30
CA GLU A 100 -4.38 16.80 1.32
C GLU A 100 -4.45 15.34 0.86
N TRP A 101 -4.18 14.43 1.79
CA TRP A 101 -4.17 12.99 1.53
C TRP A 101 -3.20 12.63 0.40
N SER A 102 -1.91 12.69 0.76
CA SER A 102 -0.81 12.31 -0.13
C SER A 102 0.17 11.43 0.64
N PRO A 103 -0.30 10.30 1.16
CA PRO A 103 0.53 9.54 2.10
C PRO A 103 1.83 9.03 1.49
N ALA A 104 1.77 8.48 0.28
CA ALA A 104 3.01 8.03 -0.36
C ALA A 104 3.89 9.21 -0.79
N THR A 105 3.28 10.23 -1.42
CA THR A 105 4.05 11.36 -1.84
C THR A 105 4.81 11.98 -0.69
N GLU A 106 4.18 12.03 0.50
CA GLU A 106 4.87 12.55 1.68
C GLU A 106 6.03 11.64 2.09
N ARG A 107 5.85 10.32 2.02
CA ARG A 107 6.89 9.39 2.44
C ARG A 107 8.10 9.45 1.52
N PHE A 108 7.88 9.66 0.21
CA PHE A 108 8.95 9.67 -0.78
C PHE A 108 9.55 11.06 -0.98
N LEU A 109 9.04 12.07 -0.27
CA LEU A 109 9.45 13.44 -0.49
C LEU A 109 10.95 13.63 -0.24
N ALA A 110 11.45 13.11 0.88
CA ALA A 110 12.88 13.29 1.19
C ALA A 110 13.76 12.68 0.09
N SER A 111 13.35 11.53 -0.45
CA SER A 111 14.12 10.88 -1.51
C SER A 111 14.16 11.72 -2.77
N GLY A 112 13.13 12.55 -2.98
CA GLY A 112 13.10 13.54 -4.04
C GLY A 112 12.33 13.14 -5.28
N HIS A 113 11.85 11.90 -5.37
CA HIS A 113 11.12 11.46 -6.56
C HIS A 113 10.22 10.29 -6.23
N MET A 114 9.27 10.05 -7.12
CA MET A 114 8.61 8.77 -7.29
C MET A 114 8.72 8.41 -8.76
N THR A 115 8.82 7.11 -9.07
CA THR A 115 8.78 6.75 -10.47
C THR A 115 7.36 6.88 -11.00
N VAL A 116 7.24 6.82 -12.34
CA VAL A 116 5.93 6.79 -12.99
C VAL A 116 5.05 5.70 -12.38
N LEU A 117 5.61 4.48 -12.25
CA LEU A 117 4.82 3.35 -11.77
C LEU A 117 4.48 3.49 -10.29
N GLU A 118 5.42 3.96 -9.46
CA GLU A 118 5.14 4.19 -8.05
C GLU A 118 4.01 5.20 -7.88
N ALA A 119 4.09 6.31 -8.61
CA ALA A 119 3.04 7.33 -8.52
C ALA A 119 1.70 6.77 -8.97
N ALA A 120 1.68 6.03 -10.08
CA ALA A 120 0.42 5.45 -10.55
C ALA A 120 -0.16 4.49 -9.52
N GLN A 121 0.70 3.64 -8.93
CA GLN A 121 0.20 2.69 -7.94
C GLN A 121 -0.31 3.39 -6.69
N ALA A 122 0.36 4.46 -6.28
CA ALA A 122 -0.12 5.26 -5.15
C ALA A 122 -1.47 5.90 -5.47
N ALA A 123 -1.60 6.47 -6.67
CA ALA A 123 -2.87 7.05 -7.08
C ALA A 123 -3.99 6.03 -7.07
N VAL A 124 -3.74 4.82 -7.56
CA VAL A 124 -4.78 3.81 -7.66
C VAL A 124 -5.08 3.19 -6.30
N GLN A 125 -4.06 2.76 -5.56
CA GLN A 125 -4.30 1.94 -4.37
C GLN A 125 -4.47 2.72 -3.07
N LEU A 126 -3.95 3.96 -2.99
CA LEU A 126 -4.11 4.80 -1.83
C LEU A 126 -4.92 6.05 -2.13
N SER A 127 -5.27 6.28 -3.40
CA SER A 127 -5.93 7.51 -3.82
C SER A 127 -5.06 8.73 -3.50
N ASP A 128 -3.74 8.54 -3.57
CA ASP A 128 -2.81 9.62 -3.25
C ASP A 128 -3.00 10.79 -4.22
N ASN A 129 -3.33 11.95 -3.66
CA ASN A 129 -3.68 13.11 -4.48
C ASN A 129 -2.44 13.81 -5.04
N GLY A 130 -1.38 13.92 -4.26
CA GLY A 130 -0.13 14.45 -4.79
C GLY A 130 0.42 13.61 -5.92
N ALA A 131 0.37 12.28 -5.78
CA ALA A 131 0.85 11.41 -6.84
C ALA A 131 0.02 11.58 -8.09
N THR A 132 -1.29 11.76 -7.93
CA THR A 132 -2.16 12.03 -9.07
C THR A 132 -1.74 13.31 -9.79
N ASN A 133 -1.52 14.38 -9.03
CA ASN A 133 -1.10 15.64 -9.65
C ASN A 133 0.27 15.50 -10.30
N LEU A 134 1.16 14.69 -9.71
CA LEU A 134 2.48 14.48 -10.32
C LEU A 134 2.34 13.82 -11.69
N LEU A 135 1.46 12.83 -11.81
CA LEU A 135 1.22 12.20 -13.11
C LEU A 135 0.59 13.20 -14.09
N LEU A 136 -0.35 14.02 -13.62
CA LEU A 136 -0.95 15.01 -14.49
C LEU A 136 0.10 15.98 -15.01
N ARG A 137 1.05 16.36 -14.16
CA ARG A 137 2.15 17.21 -14.63
C ARG A 137 2.86 16.58 -15.82
N GLU A 138 3.04 15.25 -15.78
CA GLU A 138 3.83 14.55 -16.79
C GLU A 138 3.05 14.18 -18.04
N ILE A 139 1.73 14.13 -18.01
CA ILE A 139 0.97 13.74 -19.20
C ILE A 139 0.34 14.92 -19.94
N GLY A 140 0.38 16.13 -19.39
CA GLY A 140 -0.17 17.30 -20.03
C GLY A 140 -1.39 17.88 -19.34
N GLY A 141 -1.68 17.48 -18.12
CA GLY A 141 -2.76 18.05 -17.38
C GLY A 141 -4.13 17.47 -17.72
N PRO A 142 -5.16 18.07 -17.14
CA PRO A 142 -6.52 17.58 -17.38
C PRO A 142 -6.92 17.45 -18.84
N ALA A 143 -6.47 18.33 -19.72
CA ALA A 143 -6.84 18.18 -21.12
C ALA A 143 -6.34 16.84 -21.69
N ALA A 144 -5.18 16.37 -21.25
CA ALA A 144 -4.65 15.10 -21.77
C ALA A 144 -5.47 13.91 -21.26
N MET A 145 -5.91 13.97 -20.00
CA MET A 145 -6.80 12.92 -19.50
C MET A 145 -8.09 12.87 -20.31
N THR A 146 -8.67 14.02 -20.61
CA THR A 146 -9.91 14.05 -21.38
C THR A 146 -9.67 13.53 -22.79
N GLN A 147 -8.52 13.88 -23.40
CA GLN A 147 -8.19 13.35 -24.72
C GLN A 147 -8.13 11.82 -24.71
N TYR A 148 -7.62 11.23 -23.63
CA TYR A 148 -7.56 9.76 -23.54
C TYR A 148 -8.95 9.15 -23.48
N PHE A 149 -9.84 9.71 -22.66
CA PHE A 149 -11.23 9.26 -22.69
C PHE A 149 -11.75 9.23 -24.13
N ARG A 150 -11.58 10.34 -24.85
CA ARG A 150 -12.10 10.42 -26.21
C ARG A 150 -11.44 9.38 -27.11
N LYS A 151 -10.14 9.15 -26.94
CA LYS A 151 -9.40 8.20 -27.77
C LYS A 151 -9.96 6.78 -27.64
N ILE A 152 -10.38 6.39 -26.44
CA ILE A 152 -10.91 5.04 -26.25
C ILE A 152 -12.43 5.02 -26.39
N GLY A 153 -13.02 6.04 -27.00
CA GLY A 153 -14.43 6.00 -27.31
C GLY A 153 -15.39 6.47 -26.24
N ASP A 154 -14.90 7.14 -25.20
CA ASP A 154 -15.74 7.73 -24.15
C ASP A 154 -15.86 9.22 -24.47
N SER A 155 -17.03 9.64 -24.93
CA SER A 155 -17.25 11.03 -25.30
C SER A 155 -17.85 11.84 -24.16
N VAL A 156 -17.99 11.24 -22.98
CA VAL A 156 -18.74 11.80 -21.87
C VAL A 156 -17.81 12.23 -20.73
N SER A 157 -16.99 11.30 -20.24
CA SER A 157 -16.14 11.61 -19.10
C SER A 157 -15.22 12.78 -19.42
N ARG A 158 -15.03 13.67 -18.45
CA ARG A 158 -14.21 14.86 -18.67
C ARG A 158 -13.48 15.23 -17.39
N LEU A 159 -12.17 15.44 -17.47
CA LEU A 159 -11.40 16.00 -16.37
C LEU A 159 -11.05 17.42 -16.75
N ASP A 160 -11.47 18.36 -15.91
CA ASP A 160 -11.25 19.78 -16.13
C ASP A 160 -10.23 20.39 -15.18
N ARG A 161 -10.00 19.77 -14.03
CA ARG A 161 -9.16 20.33 -12.99
C ARG A 161 -8.32 19.22 -12.35
N LYS A 162 -7.29 19.65 -11.62
CA LYS A 162 -6.45 18.74 -10.86
C LYS A 162 -6.97 18.64 -9.41
N GLU A 163 -6.24 17.87 -8.56
CA GLU A 163 -6.68 17.76 -7.17
C GLU A 163 -6.23 18.98 -6.37
N PRO A 164 -7.04 19.44 -5.40
CA PRO A 164 -8.31 18.86 -4.95
C PRO A 164 -9.54 19.41 -5.64
N GLU A 165 -9.42 20.51 -6.37
CA GLU A 165 -10.62 21.22 -6.78
C GLU A 165 -11.50 20.43 -7.74
N MET A 166 -10.95 19.43 -8.45
CA MET A 166 -11.81 18.63 -9.32
C MET A 166 -12.91 17.93 -8.54
N GLY A 167 -12.74 17.75 -7.23
CA GLY A 167 -13.72 17.11 -6.37
C GLY A 167 -14.67 18.03 -5.65
N ASP A 168 -14.73 19.31 -6.04
CA ASP A 168 -15.60 20.25 -5.35
C ASP A 168 -17.05 19.81 -5.43
N ASN A 169 -17.45 19.20 -6.55
CA ASN A 169 -18.78 18.66 -6.74
C ASN A 169 -19.87 19.71 -6.47
N THR A 170 -19.68 20.92 -7.02
CA THR A 170 -20.70 21.95 -6.90
C THR A 170 -21.97 21.46 -7.58
N PRO A 171 -23.13 21.53 -6.93
CA PRO A 171 -24.36 21.01 -7.56
C PRO A 171 -24.55 21.59 -8.94
N GLY A 172 -24.81 20.71 -9.91
CA GLY A 172 -25.10 21.11 -11.27
C GLY A 172 -23.89 21.31 -12.17
N ASP A 173 -22.68 21.36 -11.60
CA ASP A 173 -21.47 21.61 -12.36
C ASP A 173 -21.15 20.39 -13.21
N LEU A 174 -21.04 20.57 -14.54
CA LEU A 174 -20.68 19.45 -15.41
C LEU A 174 -19.18 19.21 -15.53
N ARG A 175 -18.34 20.12 -15.01
CA ARG A 175 -16.91 19.83 -15.00
C ARG A 175 -16.65 18.59 -14.16
N ASP A 176 -15.63 17.83 -14.57
CA ASP A 176 -15.11 16.73 -13.76
C ASP A 176 -16.17 15.67 -13.49
N THR A 177 -17.05 15.45 -14.46
CA THR A 177 -18.11 14.46 -14.36
C THR A 177 -17.91 13.28 -15.31
N THR A 178 -18.69 12.23 -15.04
CA THR A 178 -18.92 11.15 -15.96
C THR A 178 -20.37 10.72 -15.80
N THR A 179 -20.76 9.65 -16.50
CA THR A 179 -22.01 8.98 -16.21
C THR A 179 -21.70 7.53 -15.84
N PRO A 180 -22.58 6.87 -15.09
CA PRO A 180 -22.34 5.44 -14.79
C PRO A 180 -22.11 4.61 -16.02
N ILE A 181 -22.90 4.81 -17.09
CA ILE A 181 -22.76 3.95 -18.26
C ILE A 181 -21.47 4.26 -19.02
N ALA A 182 -21.12 5.55 -19.16
CA ALA A 182 -19.87 5.84 -19.86
C ALA A 182 -18.69 5.26 -19.11
N MET A 183 -18.64 5.48 -17.79
CA MET A 183 -17.50 5.01 -17.02
C MET A 183 -17.44 3.48 -16.98
N ALA A 184 -18.58 2.82 -16.87
CA ALA A 184 -18.56 1.35 -16.87
C ALA A 184 -18.03 0.81 -18.19
N ARG A 185 -18.41 1.44 -19.31
CA ARG A 185 -17.89 1.02 -20.60
C ARG A 185 -16.40 1.34 -20.74
N THR A 186 -15.93 2.45 -20.16
CA THR A 186 -14.51 2.73 -20.13
C THR A 186 -13.75 1.68 -19.32
N VAL A 187 -14.30 1.30 -18.16
CA VAL A 187 -13.67 0.25 -17.37
C VAL A 187 -13.56 -1.03 -18.19
N ALA A 188 -14.65 -1.41 -18.88
CA ALA A 188 -14.63 -2.62 -19.69
C ALA A 188 -13.61 -2.53 -20.83
N LYS A 189 -13.53 -1.37 -21.48
CA LYS A 189 -12.52 -1.22 -22.54
C LYS A 189 -11.12 -1.43 -22.00
N VAL A 190 -10.83 -0.88 -20.82
CA VAL A 190 -9.48 -0.96 -20.25
C VAL A 190 -9.13 -2.39 -19.86
N LEU A 191 -10.10 -3.10 -19.25
CA LEU A 191 -9.80 -4.42 -18.69
C LEU A 191 -10.08 -5.57 -19.64
N TYR A 192 -11.03 -5.41 -20.56
CA TYR A 192 -11.47 -6.50 -21.43
C TYR A 192 -11.41 -6.18 -22.92
N GLY A 193 -11.29 -4.91 -23.30
CA GLY A 193 -11.44 -4.44 -24.66
C GLY A 193 -10.16 -4.17 -25.41
N GLY A 194 -9.02 -4.58 -24.87
CA GLY A 194 -7.76 -4.48 -25.58
C GLY A 194 -7.11 -3.13 -25.54
N ALA A 195 -7.52 -2.25 -24.63
CA ALA A 195 -6.88 -0.95 -24.52
C ALA A 195 -5.41 -1.06 -24.15
N LEU A 196 -5.05 -2.11 -23.39
CA LEU A 196 -3.69 -2.30 -22.89
C LEU A 196 -3.18 -3.69 -23.27
N THR A 197 -1.86 -3.83 -23.28
CA THR A 197 -1.27 -5.15 -23.46
C THR A 197 -1.73 -6.09 -22.36
N SER A 198 -1.55 -7.38 -22.59
CA SER A 198 -1.91 -8.37 -21.58
C SER A 198 -1.17 -8.11 -20.26
N THR A 199 0.12 -7.77 -20.34
CA THR A 199 0.89 -7.55 -19.12
C THR A 199 0.38 -6.31 -18.39
N SER A 200 0.16 -5.21 -19.11
CA SER A 200 -0.33 -4.01 -18.44
C SER A 200 -1.75 -4.20 -17.90
N THR A 201 -2.59 -4.93 -18.65
CA THR A 201 -3.94 -5.21 -18.17
C THR A 201 -3.87 -6.02 -16.87
N HIS A 202 -3.02 -7.04 -16.84
CA HIS A 202 -2.92 -7.87 -15.64
C HIS A 202 -2.42 -7.04 -14.45
N THR A 203 -1.43 -6.17 -14.67
CA THR A 203 -0.92 -5.36 -13.58
C THR A 203 -1.99 -4.43 -13.01
N ILE A 204 -2.72 -3.71 -13.87
CA ILE A 204 -3.72 -2.79 -13.35
C ILE A 204 -4.86 -3.55 -12.65
N GLU A 205 -5.20 -4.75 -13.15
CA GLU A 205 -6.17 -5.60 -12.47
C GLU A 205 -5.72 -5.93 -11.05
N ARG A 206 -4.45 -6.36 -10.89
CA ARG A 206 -3.96 -6.68 -9.56
C ARG A 206 -3.94 -5.45 -8.66
N TRP A 207 -3.59 -4.28 -9.21
CA TRP A 207 -3.65 -3.07 -8.40
C TRP A 207 -5.07 -2.82 -7.88
N LEU A 208 -6.07 -3.00 -8.74
CA LEU A 208 -7.46 -2.79 -8.34
C LEU A 208 -7.89 -3.80 -7.26
N ILE A 209 -7.52 -5.09 -7.43
CA ILE A 209 -7.84 -6.08 -6.41
C ILE A 209 -7.20 -5.70 -5.08
N GLY A 210 -5.94 -5.27 -5.13
CA GLY A 210 -5.19 -4.88 -3.96
C GLY A 210 -5.45 -3.49 -3.43
N ASN A 211 -6.40 -2.76 -4.01
CA ASN A 211 -6.72 -1.42 -3.55
C ASN A 211 -6.92 -1.39 -2.04
N GLN A 212 -6.44 -0.35 -1.38
CA GLN A 212 -6.49 -0.27 0.07
C GLN A 212 -7.64 0.57 0.62
N THR A 213 -8.43 1.20 -0.23
CA THR A 213 -9.43 2.14 0.22
C THR A 213 -10.88 1.66 0.07
N GLY A 214 -11.10 0.46 -0.45
CA GLY A 214 -12.44 0.03 -0.76
C GLY A 214 -12.99 -1.09 0.11
N ASP A 215 -12.40 -1.34 1.29
CA ASP A 215 -12.83 -2.50 2.06
C ASP A 215 -14.25 -2.36 2.60
N ALA A 216 -14.75 -1.13 2.75
CA ALA A 216 -16.06 -0.89 3.32
C ALA A 216 -17.11 -0.48 2.28
N THR A 217 -16.77 -0.46 1.00
CA THR A 217 -17.68 0.01 -0.04
C THR A 217 -18.15 -1.17 -0.88
N LEU A 218 -18.03 -1.16 -2.20
CA LEU A 218 -18.71 -2.17 -3.01
C LEU A 218 -18.29 -3.58 -2.62
N ARG A 219 -16.98 -3.81 -2.48
CA ARG A 219 -16.53 -5.17 -2.25
C ARG A 219 -17.07 -5.73 -0.94
N ALA A 220 -17.45 -4.86 0.01
CA ALA A 220 -18.07 -5.32 1.24
C ALA A 220 -19.45 -5.92 1.01
N GLY A 221 -20.10 -5.58 -0.08
CA GLY A 221 -21.41 -6.09 -0.43
C GLY A 221 -21.43 -7.23 -1.43
N PHE A 222 -20.29 -7.65 -1.93
CA PHE A 222 -20.18 -8.73 -2.90
C PHE A 222 -19.80 -10.04 -2.20
N PRO A 223 -20.21 -11.17 -2.77
CA PRO A 223 -19.76 -12.47 -2.23
C PRO A 223 -18.25 -12.58 -2.16
N LYS A 224 -17.79 -13.32 -1.15
CA LYS A 224 -16.35 -13.35 -0.86
C LYS A 224 -15.58 -14.28 -1.79
N ASP A 225 -16.26 -15.01 -2.67
CA ASP A 225 -15.59 -15.79 -3.69
C ASP A 225 -15.58 -15.09 -5.05
N TRP A 226 -16.19 -13.91 -5.17
CA TRP A 226 -16.05 -13.12 -6.38
C TRP A 226 -14.70 -12.41 -6.38
N VAL A 227 -14.03 -12.42 -7.53
CA VAL A 227 -12.83 -11.61 -7.71
C VAL A 227 -13.28 -10.18 -8.00
N VAL A 228 -12.91 -9.25 -7.12
CA VAL A 228 -13.35 -7.86 -7.20
C VAL A 228 -12.13 -6.95 -7.16
N GLY A 229 -12.10 -5.93 -8.05
CA GLY A 229 -11.11 -4.87 -7.96
C GLY A 229 -11.80 -3.55 -8.25
N GLU A 230 -11.44 -2.48 -7.53
CA GLU A 230 -12.18 -1.24 -7.70
C GLU A 230 -11.37 -0.05 -7.21
N LYS A 231 -11.85 1.14 -7.61
CA LYS A 231 -11.31 2.44 -7.24
C LYS A 231 -12.44 3.29 -6.66
N THR A 232 -12.28 3.74 -5.43
CA THR A 232 -13.23 4.59 -4.73
C THR A 232 -13.05 6.06 -5.11
N GLY A 233 -14.06 6.84 -4.76
CA GLY A 233 -13.98 8.29 -4.82
C GLY A 233 -14.86 8.90 -3.75
N THR A 234 -14.43 10.06 -3.27
CA THR A 234 -15.19 10.85 -2.31
C THR A 234 -15.11 12.30 -2.75
N CYS A 235 -16.26 12.98 -2.77
CA CYS A 235 -16.30 14.41 -3.05
C CYS A 235 -17.12 15.12 -1.98
N ALA A 236 -16.88 16.42 -1.86
CA ALA A 236 -17.75 17.30 -1.11
C ALA A 236 -19.20 17.19 -1.60
N ASN A 237 -20.11 17.68 -0.78
CA ASN A 237 -21.54 17.68 -1.13
C ASN A 237 -22.10 16.26 -1.30
N GLY A 238 -21.48 15.30 -0.62
CA GLY A 238 -22.05 13.96 -0.50
C GLY A 238 -21.73 12.99 -1.61
N GLY A 239 -20.67 13.21 -2.38
CA GLY A 239 -20.32 12.26 -3.42
C GLY A 239 -19.55 11.09 -2.86
N ARG A 240 -19.98 9.87 -3.17
CA ARG A 240 -19.27 8.66 -2.76
C ARG A 240 -19.44 7.62 -3.86
N ASN A 241 -18.32 7.21 -4.46
CA ASN A 241 -18.32 6.44 -5.68
C ASN A 241 -17.41 5.23 -5.57
N ASP A 242 -17.61 4.28 -6.47
CA ASP A 242 -16.77 3.08 -6.52
C ASP A 242 -16.97 2.45 -7.89
N ILE A 243 -15.88 2.29 -8.65
CA ILE A 243 -15.92 1.72 -9.99
C ILE A 243 -14.89 0.59 -10.08
N GLY A 244 -15.16 -0.37 -10.94
CA GLY A 244 -14.23 -1.49 -11.08
C GLY A 244 -14.84 -2.66 -11.82
N PHE A 245 -14.44 -3.86 -11.39
CA PHE A 245 -14.87 -5.07 -12.06
C PHE A 245 -15.14 -6.14 -11.02
N PHE A 246 -15.97 -7.12 -11.39
CA PHE A 246 -16.09 -8.32 -10.58
C PHE A 246 -16.20 -9.53 -11.50
N LYS A 247 -15.69 -10.66 -11.02
CA LYS A 247 -15.80 -11.94 -11.72
C LYS A 247 -16.62 -12.86 -10.82
N ALA A 248 -17.80 -13.23 -11.29
CA ALA A 248 -18.70 -14.12 -10.55
C ALA A 248 -18.59 -15.46 -11.24
N GLN A 249 -17.85 -16.38 -10.62
CA GLN A 249 -17.51 -17.66 -11.25
C GLN A 249 -16.73 -17.33 -12.51
N GLU A 250 -17.21 -17.69 -13.69
CA GLU A 250 -16.50 -17.42 -14.94
C GLU A 250 -16.97 -16.17 -15.64
N ARG A 251 -17.95 -15.45 -15.09
CA ARG A 251 -18.56 -14.31 -15.78
C ARG A 251 -17.95 -13.01 -15.27
N ASP A 252 -17.34 -12.25 -16.17
CA ASP A 252 -16.71 -10.98 -15.86
C ASP A 252 -17.66 -9.83 -16.13
N TYR A 253 -17.65 -8.85 -15.24
CA TYR A 253 -18.47 -7.67 -15.40
C TYR A 253 -17.68 -6.41 -15.05
N ALA A 254 -18.02 -5.31 -15.69
CA ALA A 254 -17.53 -3.99 -15.30
C ALA A 254 -18.67 -3.24 -14.65
N VAL A 255 -18.36 -2.44 -13.64
CA VAL A 255 -19.39 -1.78 -12.84
C VAL A 255 -18.94 -0.37 -12.45
N ALA A 256 -19.89 0.56 -12.50
CA ALA A 256 -19.65 1.91 -12.02
C ALA A 256 -20.81 2.33 -11.12
N VAL A 257 -20.47 2.77 -9.91
CA VAL A 257 -21.44 3.24 -8.92
C VAL A 257 -21.06 4.64 -8.48
N TYR A 258 -21.98 5.59 -8.67
CA TYR A 258 -21.82 6.98 -8.26
C TYR A 258 -23.01 7.32 -7.38
N THR A 259 -22.75 7.88 -6.19
CA THR A 259 -23.85 8.24 -5.30
C THR A 259 -23.69 9.65 -4.79
N THR A 260 -24.83 10.28 -4.52
CA THR A 260 -24.91 11.61 -3.92
C THR A 260 -25.85 11.51 -2.73
N ALA A 261 -25.33 11.75 -1.53
CA ALA A 261 -26.11 11.57 -0.30
C ALA A 261 -25.68 12.63 0.69
N PRO A 262 -26.09 13.89 0.48
CA PRO A 262 -25.56 15.00 1.29
C PRO A 262 -25.89 14.89 2.77
N LYS A 263 -26.96 14.20 3.14
CA LYS A 263 -27.42 14.17 4.52
C LYS A 263 -26.92 12.96 5.29
N LEU A 264 -26.18 12.08 4.65
CA LEU A 264 -25.59 10.92 5.32
C LEU A 264 -24.20 11.25 5.85
N SER A 265 -23.81 10.55 6.90
CA SER A 265 -22.43 10.63 7.38
C SER A 265 -21.52 9.80 6.48
N ALA A 266 -20.20 9.99 6.64
CA ALA A 266 -19.24 9.26 5.82
C ALA A 266 -19.42 7.75 5.98
N VAL A 267 -19.58 7.27 7.21
CA VAL A 267 -19.78 5.85 7.42
C VAL A 267 -21.08 5.38 6.76
N GLU A 268 -22.13 6.21 6.83
CA GLU A 268 -23.40 5.83 6.22
C GLU A 268 -23.29 5.80 4.70
N ARG A 269 -22.46 6.67 4.12
CA ARG A 269 -22.24 6.63 2.68
C ARG A 269 -21.50 5.37 2.29
N ASP A 270 -20.50 4.95 3.09
CA ASP A 270 -19.84 3.68 2.85
C ASP A 270 -20.87 2.54 2.86
N GLU A 271 -21.72 2.53 3.88
CA GLU A 271 -22.75 1.50 4.01
C GLU A 271 -23.71 1.54 2.83
N LEU A 272 -24.03 2.74 2.34
CA LEU A 272 -24.90 2.85 1.16
C LEU A 272 -24.27 2.16 -0.04
N VAL A 273 -23.00 2.42 -0.31
CA VAL A 273 -22.37 1.78 -1.46
C VAL A 273 -22.31 0.28 -1.26
N ALA A 274 -22.00 -0.18 -0.05
CA ALA A 274 -22.02 -1.63 0.23
C ALA A 274 -23.40 -2.21 -0.01
N SER A 275 -24.45 -1.48 0.37
CA SER A 275 -25.82 -1.92 0.10
C SER A 275 -26.06 -2.04 -1.40
N VAL A 276 -25.57 -1.08 -2.17
CA VAL A 276 -25.68 -1.21 -3.62
C VAL A 276 -24.97 -2.48 -4.10
N GLY A 277 -23.81 -2.79 -3.52
CA GLY A 277 -23.14 -4.04 -3.87
C GLY A 277 -24.01 -5.26 -3.63
N GLN A 278 -24.77 -5.27 -2.53
CA GLN A 278 -25.69 -6.38 -2.27
C GLN A 278 -26.82 -6.43 -3.28
N VAL A 279 -27.36 -5.29 -3.67
CA VAL A 279 -28.43 -5.27 -4.66
C VAL A 279 -27.93 -5.80 -5.99
N ILE A 280 -26.71 -5.40 -6.38
CA ILE A 280 -26.09 -5.96 -7.56
C ILE A 280 -25.95 -7.48 -7.42
N THR A 281 -25.49 -7.94 -6.26
CA THR A 281 -25.28 -9.37 -6.06
C THR A 281 -26.57 -10.14 -6.22
N GLN A 282 -27.65 -9.68 -5.58
CA GLN A 282 -28.92 -10.39 -5.74
C GLN A 282 -29.29 -10.52 -7.21
N LEU A 283 -29.12 -9.44 -7.98
CA LEU A 283 -29.42 -9.50 -9.40
C LEU A 283 -28.55 -10.56 -10.10
N ILE A 284 -27.23 -10.49 -9.91
CA ILE A 284 -26.33 -11.40 -10.60
C ILE A 284 -26.62 -12.85 -10.19
N LEU A 285 -26.86 -13.07 -8.91
CA LEU A 285 -27.08 -14.46 -8.45
C LEU A 285 -28.38 -15.02 -9.02
N SER A 286 -29.38 -14.16 -9.21
CA SER A 286 -30.66 -14.63 -9.69
C SER A 286 -30.70 -14.74 -11.21
N THR A 287 -29.89 -13.94 -11.91
CA THR A 287 -29.85 -14.02 -13.36
C THR A 287 -29.23 -15.32 -13.85
N ASP A 288 -28.69 -16.14 -12.96
CA ASP A 288 -28.19 -17.44 -13.36
C ASP A 288 -29.36 -18.38 -13.66
N LYS B 23 28.27 10.83 22.61
CA LYS B 23 28.06 9.43 22.96
C LYS B 23 27.74 9.29 24.44
N LEU B 24 28.27 10.19 25.27
CA LEU B 24 27.89 10.22 26.67
C LEU B 24 26.48 10.77 26.85
N THR B 25 26.14 11.82 26.11
CA THR B 25 24.76 12.33 26.13
C THR B 25 23.80 11.28 25.61
N PHE B 26 24.19 10.59 24.53
CA PHE B 26 23.38 9.51 23.96
C PHE B 26 23.06 8.45 25.00
N LYS B 27 24.08 7.92 25.69
CA LYS B 27 23.83 6.89 26.68
C LYS B 27 22.98 7.42 27.83
N THR B 28 23.31 8.63 28.31
CA THR B 28 22.60 9.22 29.44
C THR B 28 21.12 9.39 29.11
N ASP B 29 20.83 9.99 27.96
CA ASP B 29 19.44 10.27 27.60
C ASP B 29 18.65 8.98 27.37
N LEU B 30 19.28 7.95 26.78
CA LEU B 30 18.57 6.68 26.62
C LEU B 30 18.28 6.04 27.98
N GLU B 31 19.25 6.09 28.91
CA GLU B 31 19.02 5.50 30.22
C GLU B 31 17.98 6.27 31.02
N LYS B 32 17.88 7.58 30.79
CA LYS B 32 16.80 8.35 31.39
C LYS B 32 15.45 7.83 30.92
N LEU B 33 15.29 7.64 29.61
CA LEU B 33 14.06 7.09 29.07
C LEU B 33 13.77 5.70 29.64
N GLU B 34 14.80 4.85 29.75
CA GLU B 34 14.58 3.52 30.28
C GLU B 34 14.02 3.58 31.70
N ARG B 35 14.62 4.41 32.55
CA ARG B 35 14.16 4.50 33.93
C ARG B 35 12.74 5.04 34.00
N GLU B 36 12.47 6.11 33.25
CA GLU B 36 11.19 6.79 33.38
C GLU B 36 10.06 6.01 32.73
N LYS B 37 10.34 5.21 31.71
CA LYS B 37 9.32 4.42 31.02
C LYS B 37 9.32 2.96 31.45
N ALA B 38 10.13 2.59 32.44
CA ALA B 38 10.29 1.19 32.85
C ALA B 38 10.54 0.30 31.63
N ALA B 39 11.48 0.74 30.80
CA ALA B 39 11.73 0.13 29.51
C ALA B 39 13.21 -0.26 29.39
N GLN B 40 13.47 -1.14 28.42
CA GLN B 40 14.82 -1.39 27.95
C GLN B 40 14.88 -1.04 26.47
N ILE B 41 15.96 -0.36 26.10
CA ILE B 41 16.12 0.20 24.76
C ILE B 41 17.44 -0.34 24.20
N GLY B 42 17.36 -1.14 23.14
CA GLY B 42 18.52 -1.59 22.41
C GLY B 42 18.64 -0.82 21.10
N VAL B 43 19.83 -0.29 20.85
CA VAL B 43 20.08 0.52 19.65
C VAL B 43 21.46 0.16 19.12
N ALA B 44 21.57 0.03 17.80
CA ALA B 44 22.87 0.09 17.14
C ALA B 44 22.74 0.93 15.88
N ILE B 45 23.70 1.82 15.68
CA ILE B 45 23.88 2.59 14.47
C ILE B 45 25.23 2.22 13.90
N VAL B 46 25.25 1.79 12.64
CA VAL B 46 26.51 1.45 11.97
C VAL B 46 26.63 2.19 10.64
N ASP B 47 27.87 2.27 10.16
CA ASP B 47 28.14 2.81 8.84
C ASP B 47 27.95 1.71 7.79
N PRO B 48 28.10 2.04 6.51
CA PRO B 48 27.78 1.05 5.47
C PRO B 48 28.60 -0.23 5.54
N GLN B 49 29.80 -0.19 6.12
CA GLN B 49 30.65 -1.37 6.30
C GLN B 49 30.40 -2.06 7.64
N GLY B 50 29.47 -1.57 8.44
CA GLY B 50 29.14 -2.20 9.70
C GLY B 50 29.94 -1.69 10.89
N GLU B 51 30.74 -0.65 10.72
CA GLU B 51 31.47 -0.09 11.84
C GLU B 51 30.49 0.66 12.75
N ILE B 52 30.71 0.55 14.05
CA ILE B 52 29.78 1.07 15.04
C ILE B 52 29.93 2.58 15.15
N VAL B 53 28.81 3.27 15.02
CA VAL B 53 28.72 4.70 15.30
C VAL B 53 28.34 4.95 16.75
N ALA B 54 27.27 4.30 17.21
CA ALA B 54 26.86 4.38 18.60
C ALA B 54 25.89 3.24 18.86
N GLY B 55 25.72 2.89 20.14
CA GLY B 55 24.74 1.88 20.49
C GLY B 55 24.46 1.86 21.97
N HIS B 56 23.48 1.04 22.33
CA HIS B 56 23.04 0.86 23.70
C HIS B 56 22.47 -0.55 23.80
N ARG B 57 22.89 -1.29 24.82
CA ARG B 57 22.48 -2.70 24.96
C ARG B 57 22.67 -3.48 23.65
N MET B 58 23.78 -3.21 22.97
CA MET B 58 23.96 -3.70 21.60
C MET B 58 24.07 -5.20 21.52
N ALA B 59 24.53 -5.85 22.57
CA ALA B 59 24.74 -7.29 22.56
C ALA B 59 23.59 -8.05 23.21
N GLN B 60 22.54 -7.36 23.64
CA GLN B 60 21.43 -7.99 24.34
C GLN B 60 20.37 -8.47 23.35
N ARG B 61 19.77 -9.62 23.66
CA ARG B 61 18.77 -10.21 22.78
C ARG B 61 17.42 -9.51 22.94
N PHE B 62 16.75 -9.27 21.82
CA PHE B 62 15.37 -8.77 21.79
C PHE B 62 14.59 -9.56 20.75
N ALA B 63 13.30 -9.77 21.02
CA ALA B 63 12.44 -10.36 20.02
C ALA B 63 12.43 -9.51 18.75
N MET B 64 12.56 -10.17 17.59
CA MET B 64 12.54 -9.43 16.33
C MET B 64 11.16 -8.85 16.02
N CYS B 65 10.09 -9.56 16.40
CA CYS B 65 8.75 -9.21 15.95
C CYS B 65 8.78 -9.06 14.42
N SER B 66 8.02 -8.11 13.86
CA SER B 66 7.90 -8.06 12.40
C SER B 66 9.13 -7.50 11.71
N THR B 67 10.17 -7.05 12.45
CA THR B 67 11.35 -6.52 11.77
C THR B 67 11.98 -7.56 10.86
N PHE B 68 11.82 -8.86 11.16
CA PHE B 68 12.42 -9.90 10.32
C PHE B 68 11.87 -9.91 8.90
N LYS B 69 10.74 -9.26 8.64
CA LYS B 69 10.18 -9.32 7.31
C LYS B 69 11.01 -8.56 6.30
N PHE B 70 11.86 -7.62 6.77
CA PHE B 70 12.82 -6.98 5.88
C PHE B 70 13.90 -7.99 5.45
N PRO B 71 14.61 -8.64 6.38
CA PRO B 71 15.47 -9.77 5.97
C PRO B 71 14.79 -10.85 5.16
N LEU B 72 13.53 -11.16 5.45
CA LEU B 72 12.80 -12.15 4.64
C LEU B 72 12.71 -11.69 3.19
N ALA B 73 12.37 -10.42 2.97
CA ALA B 73 12.34 -9.91 1.59
C ALA B 73 13.73 -9.98 0.95
N ALA B 74 14.79 -9.71 1.72
CA ALA B 74 16.14 -9.81 1.16
C ALA B 74 16.43 -11.23 0.71
N LEU B 75 16.06 -12.23 1.53
CA LEU B 75 16.19 -13.63 1.17
C LEU B 75 15.48 -13.91 -0.15
N VAL B 76 14.26 -13.43 -0.29
CA VAL B 76 13.52 -13.64 -1.53
C VAL B 76 14.24 -12.98 -2.70
N PHE B 77 14.73 -11.76 -2.51
CA PHE B 77 15.44 -11.09 -3.59
C PHE B 77 16.75 -11.81 -3.92
N GLU B 78 17.41 -12.39 -2.92
CA GLU B 78 18.62 -13.17 -3.23
C GLU B 78 18.28 -14.36 -4.11
N ARG B 79 17.14 -15.01 -3.85
CA ARG B 79 16.75 -16.16 -4.67
C ARG B 79 16.36 -15.71 -6.08
N ILE B 80 15.72 -14.54 -6.22
CA ILE B 80 15.46 -14.00 -7.55
C ILE B 80 16.76 -13.67 -8.28
N ASP B 81 17.69 -13.02 -7.57
CA ASP B 81 18.99 -12.69 -8.16
C ASP B 81 19.70 -13.94 -8.67
N SER B 82 19.67 -15.02 -7.90
CA SER B 82 20.39 -16.23 -8.26
C SER B 82 19.60 -17.10 -9.22
N GLY B 83 18.34 -16.78 -9.45
CA GLY B 83 17.53 -17.52 -10.37
C GLY B 83 16.77 -18.70 -9.77
N THR B 84 16.80 -18.88 -8.46
CA THR B 84 16.09 -20.00 -7.84
C THR B 84 14.67 -19.64 -7.45
N GLU B 85 14.26 -18.38 -7.70
CA GLU B 85 12.89 -17.93 -7.49
C GLU B 85 12.55 -16.95 -8.60
N ARG B 86 11.25 -16.83 -8.89
CA ARG B 86 10.71 -15.88 -9.87
C ARG B 86 9.74 -14.95 -9.16
N GLY B 87 9.92 -13.64 -9.37
CA GLY B 87 9.08 -12.67 -8.69
C GLY B 87 7.59 -12.80 -9.02
N ASP B 88 7.27 -13.23 -10.22
CA ASP B 88 5.88 -13.32 -10.66
C ASP B 88 5.26 -14.69 -10.42
N ARG B 89 5.97 -15.59 -9.74
CA ARG B 89 5.43 -16.91 -9.46
C ARG B 89 4.21 -16.79 -8.56
N LYS B 90 3.13 -17.47 -8.93
CA LYS B 90 1.87 -17.39 -8.21
C LYS B 90 1.89 -18.33 -7.00
N LEU B 91 1.65 -17.78 -5.81
CA LEU B 91 1.59 -18.56 -4.58
C LEU B 91 0.14 -18.72 -4.18
N SER B 92 -0.39 -19.92 -4.36
CA SER B 92 -1.81 -20.15 -4.13
C SER B 92 -2.08 -20.40 -2.65
N TYR B 93 -3.24 -19.94 -2.20
CA TYR B 93 -3.66 -20.15 -0.83
C TYR B 93 -5.17 -20.07 -0.73
N GLY B 94 -5.67 -20.55 0.41
CA GLY B 94 -7.06 -20.44 0.77
C GLY B 94 -7.23 -19.73 2.10
N PRO B 95 -8.44 -19.75 2.64
CA PRO B 95 -8.73 -18.93 3.83
C PRO B 95 -7.88 -19.28 5.05
N ASP B 96 -7.31 -20.48 5.10
CA ASP B 96 -6.49 -20.82 6.27
C ASP B 96 -5.19 -20.05 6.34
N MET B 97 -4.80 -19.34 5.27
CA MET B 97 -3.61 -18.51 5.28
C MET B 97 -3.84 -17.16 5.96
N ILE B 98 -5.10 -16.77 6.15
CA ILE B 98 -5.42 -15.47 6.75
C ILE B 98 -5.27 -15.58 8.27
N VAL B 99 -4.37 -14.76 8.81
CA VAL B 99 -4.17 -14.62 10.25
C VAL B 99 -4.41 -13.16 10.60
N GLU B 100 -4.26 -12.83 11.88
CA GLU B 100 -4.56 -11.46 12.31
C GLU B 100 -3.66 -10.47 11.58
N TRP B 101 -4.25 -9.37 11.15
CA TRP B 101 -3.60 -8.36 10.32
C TRP B 101 -2.98 -8.93 9.05
N SER B 102 -3.85 -9.24 8.09
CA SER B 102 -3.48 -9.73 6.77
C SER B 102 -4.27 -8.98 5.70
N PRO B 103 -4.09 -7.66 5.59
CA PRO B 103 -5.01 -6.87 4.75
C PRO B 103 -4.93 -7.20 3.27
N ALA B 104 -3.71 -7.35 2.74
CA ALA B 104 -3.56 -7.73 1.33
C ALA B 104 -3.96 -9.19 1.12
N THR B 105 -3.55 -10.09 2.02
CA THR B 105 -3.93 -11.50 1.86
C THR B 105 -5.44 -11.64 1.76
N GLU B 106 -6.17 -10.90 2.59
CA GLU B 106 -7.62 -10.96 2.52
C GLU B 106 -8.14 -10.44 1.19
N ARG B 107 -7.57 -9.36 0.68
CA ARG B 107 -8.06 -8.79 -0.57
C ARG B 107 -7.82 -9.72 -1.76
N PHE B 108 -6.68 -10.42 -1.78
CA PHE B 108 -6.32 -11.27 -2.90
C PHE B 108 -6.88 -12.70 -2.78
N LEU B 109 -7.55 -13.01 -1.67
CA LEU B 109 -8.02 -14.38 -1.42
C LEU B 109 -8.87 -14.91 -2.58
N ALA B 110 -9.87 -14.14 -3.01
CA ALA B 110 -10.78 -14.66 -4.02
C ALA B 110 -10.04 -14.96 -5.32
N SER B 111 -9.03 -14.15 -5.65
CA SER B 111 -8.24 -14.40 -6.84
C SER B 111 -7.43 -15.68 -6.73
N GLY B 112 -7.16 -16.14 -5.52
CA GLY B 112 -6.57 -17.45 -5.29
C GLY B 112 -5.07 -17.43 -5.05
N HIS B 113 -4.41 -16.29 -5.19
CA HIS B 113 -2.97 -16.27 -5.04
C HIS B 113 -2.48 -14.85 -4.81
N MET B 114 -1.25 -14.76 -4.32
CA MET B 114 -0.41 -13.60 -4.48
C MET B 114 0.90 -14.05 -5.11
N THR B 115 1.52 -13.19 -5.92
CA THR B 115 2.85 -13.55 -6.41
C THR B 115 3.89 -13.40 -5.29
N VAL B 116 5.05 -13.99 -5.55
CA VAL B 116 6.20 -13.84 -4.64
C VAL B 116 6.42 -12.37 -4.31
N LEU B 117 6.49 -11.52 -5.34
CA LEU B 117 6.78 -10.10 -5.11
C LEU B 117 5.63 -9.38 -4.41
N GLU B 118 4.38 -9.68 -4.76
CA GLU B 118 3.26 -9.06 -4.08
C GLU B 118 3.28 -9.43 -2.60
N ALA B 119 3.48 -10.71 -2.28
CA ALA B 119 3.51 -11.13 -0.89
C ALA B 119 4.66 -10.46 -0.14
N ALA B 120 5.84 -10.38 -0.77
CA ALA B 120 6.98 -9.75 -0.10
C ALA B 120 6.73 -8.26 0.13
N GLN B 121 6.11 -7.59 -0.85
CA GLN B 121 5.82 -6.17 -0.67
C GLN B 121 4.78 -5.94 0.41
N ALA B 122 3.77 -6.82 0.49
CA ALA B 122 2.76 -6.73 1.54
C ALA B 122 3.38 -6.96 2.92
N ALA B 123 4.27 -7.94 3.01
CA ALA B 123 4.97 -8.20 4.26
C ALA B 123 5.80 -7.00 4.70
N VAL B 124 6.54 -6.39 3.78
CA VAL B 124 7.42 -5.28 4.14
C VAL B 124 6.64 -3.99 4.41
N GLN B 125 5.70 -3.64 3.53
CA GLN B 125 5.10 -2.31 3.60
C GLN B 125 3.83 -2.22 4.43
N LEU B 126 3.12 -3.35 4.61
CA LEU B 126 1.92 -3.42 5.42
C LEU B 126 2.09 -4.29 6.64
N SER B 127 3.23 -4.98 6.75
CA SER B 127 3.44 -5.99 7.79
C SER B 127 2.38 -7.08 7.74
N ASP B 128 1.90 -7.42 6.55
CA ASP B 128 0.85 -8.40 6.39
C ASP B 128 1.35 -9.76 6.88
N ASN B 129 0.65 -10.32 7.84
CA ASN B 129 1.14 -11.54 8.49
C ASN B 129 0.82 -12.79 7.68
N GLY B 130 -0.34 -12.82 7.04
CA GLY B 130 -0.63 -13.91 6.12
C GLY B 130 0.37 -13.97 4.98
N ALA B 131 0.73 -12.81 4.41
CA ALA B 131 1.66 -12.83 3.29
C ALA B 131 3.03 -13.29 3.75
N THR B 132 3.40 -12.95 4.98
CA THR B 132 4.64 -13.43 5.57
C THR B 132 4.64 -14.95 5.66
N ASN B 133 3.54 -15.52 6.16
CA ASN B 133 3.44 -16.97 6.30
C ASN B 133 3.43 -17.67 4.95
N LEU B 134 2.80 -17.04 3.95
CA LEU B 134 2.82 -17.58 2.60
C LEU B 134 4.24 -17.67 2.07
N LEU B 135 5.04 -16.61 2.24
CA LEU B 135 6.44 -16.67 1.84
C LEU B 135 7.21 -17.74 2.61
N LEU B 136 6.99 -17.82 3.92
CA LEU B 136 7.70 -18.83 4.70
C LEU B 136 7.37 -20.23 4.21
N ARG B 137 6.11 -20.47 3.86
CA ARG B 137 5.74 -21.77 3.31
C ARG B 137 6.57 -22.09 2.06
N GLU B 138 6.83 -21.08 1.23
CA GLU B 138 7.48 -21.30 -0.05
C GLU B 138 9.00 -21.36 0.02
N ILE B 139 9.63 -20.79 1.04
CA ILE B 139 11.09 -20.73 1.09
C ILE B 139 11.71 -21.81 1.96
N GLY B 140 10.90 -22.60 2.66
CA GLY B 140 11.43 -23.59 3.57
C GLY B 140 11.28 -23.27 5.04
N GLY B 141 10.43 -22.32 5.39
CA GLY B 141 10.06 -22.09 6.76
C GLY B 141 11.06 -21.26 7.54
N PRO B 142 10.80 -21.11 8.85
CA PRO B 142 11.76 -20.41 9.71
C PRO B 142 13.19 -20.88 9.57
N ALA B 143 13.40 -22.19 9.39
CA ALA B 143 14.77 -22.68 9.24
C ALA B 143 15.47 -22.02 8.06
N ALA B 144 14.75 -21.77 6.98
CA ALA B 144 15.37 -21.16 5.81
C ALA B 144 15.71 -19.70 6.06
N MET B 145 14.89 -18.99 6.84
CA MET B 145 15.22 -17.62 7.21
C MET B 145 16.50 -17.60 8.04
N THR B 146 16.61 -18.51 9.01
CA THR B 146 17.82 -18.56 9.83
C THR B 146 19.04 -18.90 9.00
N GLN B 147 18.90 -19.86 8.06
CA GLN B 147 20.01 -20.21 7.18
C GLN B 147 20.49 -18.98 6.42
N TYR B 148 19.56 -18.12 6.02
CA TYR B 148 19.94 -16.93 5.26
C TYR B 148 20.74 -15.95 6.12
N PHE B 149 20.30 -15.70 7.35
CA PHE B 149 21.08 -14.89 8.27
C PHE B 149 22.51 -15.42 8.34
N ARG B 150 22.67 -16.73 8.55
CA ARG B 150 24.01 -17.28 8.67
C ARG B 150 24.80 -17.08 7.38
N LYS B 151 24.14 -17.29 6.23
CA LYS B 151 24.79 -17.12 4.94
C LYS B 151 25.40 -15.74 4.78
N ILE B 152 24.73 -14.72 5.31
CA ILE B 152 25.26 -13.36 5.17
C ILE B 152 26.08 -12.92 6.37
N GLY B 153 26.46 -13.87 7.23
CA GLY B 153 27.40 -13.58 8.29
C GLY B 153 26.78 -13.11 9.59
N ASP B 154 25.48 -13.22 9.74
CA ASP B 154 24.79 -12.95 10.99
C ASP B 154 24.64 -14.31 11.68
N SER B 155 25.48 -14.54 12.68
CA SER B 155 25.42 -15.77 13.48
C SER B 155 24.48 -15.65 14.67
N VAL B 156 23.73 -14.56 14.78
CA VAL B 156 22.94 -14.24 15.97
C VAL B 156 21.44 -14.36 15.70
N SER B 157 20.93 -13.65 14.69
CA SER B 157 19.50 -13.60 14.45
C SER B 157 18.95 -14.98 14.13
N ARG B 158 17.76 -15.27 14.65
CA ARG B 158 17.16 -16.58 14.43
C ARG B 158 15.65 -16.45 14.34
N LEU B 159 15.08 -17.03 13.30
CA LEU B 159 13.63 -17.21 13.19
C LEU B 159 13.32 -18.66 13.49
N ASP B 160 12.35 -18.89 14.36
CA ASP B 160 11.98 -20.22 14.82
C ASP B 160 10.53 -20.55 14.55
N ARG B 161 9.67 -19.55 14.40
CA ARG B 161 8.25 -19.77 14.29
C ARG B 161 7.65 -18.83 13.24
N LYS B 162 6.46 -19.20 12.78
CA LYS B 162 5.68 -18.36 11.88
C LYS B 162 4.84 -17.36 12.67
N GLU B 163 4.06 -16.52 11.92
CA GLU B 163 3.14 -15.61 12.57
C GLU B 163 1.89 -16.36 13.01
N PRO B 164 1.31 -16.01 14.15
CA PRO B 164 1.69 -14.93 15.05
C PRO B 164 2.60 -15.33 16.20
N GLU B 165 2.81 -16.62 16.42
CA GLU B 165 3.47 -17.06 17.65
C GLU B 165 4.93 -16.64 17.75
N MET B 166 5.58 -16.33 16.63
CA MET B 166 6.95 -15.84 16.72
C MET B 166 7.05 -14.54 17.52
N GLY B 167 5.96 -13.82 17.70
CA GLY B 167 5.95 -12.61 18.48
C GLY B 167 5.52 -12.74 19.92
N ASP B 168 5.43 -13.96 20.47
CA ASP B 168 4.97 -14.13 21.84
C ASP B 168 5.88 -13.42 22.83
N ASN B 169 7.18 -13.31 22.53
CA ASN B 169 8.13 -12.57 23.34
C ASN B 169 8.08 -12.99 24.82
N THR B 170 8.15 -14.30 25.04
CA THR B 170 8.24 -14.83 26.40
C THR B 170 9.59 -14.44 27.00
N PRO B 171 9.63 -13.84 28.17
CA PRO B 171 10.94 -13.45 28.74
C PRO B 171 11.85 -14.66 28.89
N GLY B 172 13.10 -14.51 28.43
CA GLY B 172 14.09 -15.57 28.48
C GLY B 172 14.12 -16.49 27.28
N ASP B 173 13.11 -16.42 26.42
CA ASP B 173 13.02 -17.30 25.26
C ASP B 173 13.93 -16.74 24.17
N LEU B 174 14.86 -17.57 23.70
CA LEU B 174 15.77 -17.13 22.64
C LEU B 174 15.19 -17.28 21.26
N ARG B 175 14.04 -17.94 21.10
CA ARG B 175 13.46 -18.09 19.78
C ARG B 175 13.10 -16.72 19.22
N ASP B 176 13.34 -16.54 17.93
CA ASP B 176 12.80 -15.40 17.20
C ASP B 176 13.41 -14.08 17.68
N THR B 177 14.70 -14.12 18.03
CA THR B 177 15.42 -12.96 18.54
C THR B 177 16.60 -12.58 17.65
N THR B 178 17.07 -11.36 17.90
CA THR B 178 18.32 -10.83 17.36
C THR B 178 18.95 -9.97 18.44
N THR B 179 20.07 -9.33 18.11
CA THR B 179 20.61 -8.27 18.96
C THR B 179 20.68 -7.01 18.11
N PRO B 180 20.67 -5.82 18.73
CA PRO B 180 20.74 -4.61 17.91
C PRO B 180 21.94 -4.56 16.99
N ILE B 181 23.13 -4.96 17.47
CA ILE B 181 24.30 -4.87 16.61
C ILE B 181 24.23 -5.89 15.48
N ALA B 182 23.83 -7.13 15.77
CA ALA B 182 23.70 -8.10 14.68
C ALA B 182 22.72 -7.61 13.62
N MET B 183 21.56 -7.13 14.04
CA MET B 183 20.56 -6.74 13.05
C MET B 183 20.99 -5.50 12.28
N ALA B 184 21.57 -4.49 12.96
CA ALA B 184 22.05 -3.32 12.24
C ALA B 184 23.08 -3.71 11.20
N ARG B 185 23.95 -4.67 11.53
CA ARG B 185 24.94 -5.10 10.55
C ARG B 185 24.29 -5.90 9.42
N THR B 186 23.24 -6.67 9.71
CA THR B 186 22.51 -7.33 8.63
C THR B 186 21.84 -6.32 7.71
N VAL B 187 21.26 -5.26 8.27
CA VAL B 187 20.68 -4.20 7.45
C VAL B 187 21.74 -3.60 6.56
N ALA B 188 22.90 -3.28 7.12
CA ALA B 188 23.97 -2.71 6.31
C ALA B 188 24.41 -3.66 5.20
N LYS B 189 24.52 -4.95 5.50
CA LYS B 189 24.93 -5.90 4.46
C LYS B 189 23.94 -5.93 3.31
N VAL B 190 22.64 -5.91 3.64
CA VAL B 190 21.60 -5.97 2.62
C VAL B 190 21.61 -4.71 1.77
N LEU B 191 21.73 -3.53 2.39
CA LEU B 191 21.58 -2.28 1.65
C LEU B 191 22.87 -1.74 1.08
N TYR B 192 24.01 -2.06 1.70
CA TYR B 192 25.27 -1.44 1.32
C TYR B 192 26.41 -2.41 1.11
N GLY B 193 26.25 -3.68 1.51
CA GLY B 193 27.37 -4.59 1.51
C GLY B 193 27.34 -5.65 0.44
N GLY B 194 26.53 -5.44 -0.59
CA GLY B 194 26.56 -6.30 -1.76
C GLY B 194 25.80 -7.60 -1.62
N ALA B 195 24.91 -7.71 -0.64
CA ALA B 195 24.13 -8.94 -0.51
C ALA B 195 23.21 -9.15 -1.71
N LEU B 196 22.77 -8.08 -2.36
CA LEU B 196 21.80 -8.15 -3.43
C LEU B 196 22.32 -7.37 -4.64
N THR B 197 21.80 -7.70 -5.81
CA THR B 197 22.15 -6.92 -7.00
C THR B 197 21.74 -5.47 -6.82
N SER B 198 22.31 -4.60 -7.65
CA SER B 198 21.93 -3.19 -7.60
C SER B 198 20.43 -3.01 -7.76
N THR B 199 19.81 -3.75 -8.69
CA THR B 199 18.38 -3.60 -8.93
C THR B 199 17.57 -4.05 -7.72
N SER B 200 17.89 -5.22 -7.17
CA SER B 200 17.13 -5.70 -6.02
C SER B 200 17.35 -4.81 -4.80
N THR B 201 18.60 -4.34 -4.61
CA THR B 201 18.87 -3.42 -3.51
C THR B 201 18.03 -2.17 -3.64
N HIS B 202 17.96 -1.60 -4.84
CA HIS B 202 17.20 -0.38 -5.01
C HIS B 202 15.71 -0.62 -4.72
N THR B 203 15.19 -1.76 -5.18
CA THR B 203 13.77 -2.03 -4.96
C THR B 203 13.46 -2.12 -3.46
N ILE B 204 14.26 -2.88 -2.72
CA ILE B 204 13.98 -3.03 -1.30
C ILE B 204 14.14 -1.71 -0.56
N GLU B 205 15.09 -0.87 -0.99
CA GLU B 205 15.19 0.47 -0.42
C GLU B 205 13.90 1.26 -0.62
N ARG B 206 13.35 1.24 -1.84
CA ARG B 206 12.11 1.99 -2.08
C ARG B 206 10.97 1.43 -1.25
N TRP B 207 10.91 0.10 -1.08
CA TRP B 207 9.84 -0.47 -0.23
C TRP B 207 9.95 0.05 1.19
N LEU B 208 11.16 0.14 1.72
CA LEU B 208 11.38 0.63 3.08
C LEU B 208 10.98 2.09 3.20
N ILE B 209 11.33 2.93 2.21
CA ILE B 209 10.95 4.33 2.25
C ILE B 209 9.43 4.47 2.22
N GLY B 210 8.75 3.70 1.38
CA GLY B 210 7.31 3.78 1.20
C GLY B 210 6.50 2.95 2.17
N ASN B 211 7.14 2.33 3.16
CA ASN B 211 6.45 1.56 4.18
CA ASN B 211 6.42 1.54 4.14
C ASN B 211 5.31 2.36 4.80
N GLN B 212 4.21 1.69 5.13
CA GLN B 212 3.01 2.37 5.60
C GLN B 212 2.80 2.30 7.11
N THR B 213 3.71 1.67 7.85
CA THR B 213 3.47 1.41 9.26
C THR B 213 4.42 2.15 10.20
N GLY B 214 5.36 2.96 9.68
CA GLY B 214 6.36 3.60 10.50
C GLY B 214 6.21 5.10 10.66
N ASP B 215 5.06 5.67 10.34
CA ASP B 215 4.96 7.13 10.33
C ASP B 215 5.09 7.75 11.74
N ALA B 216 4.81 6.97 12.80
CA ALA B 216 4.82 7.48 14.18
C ALA B 216 5.98 6.95 15.02
N THR B 217 6.91 6.22 14.43
CA THR B 217 8.04 5.62 15.16
C THR B 217 9.33 6.36 14.79
N LEU B 218 10.42 5.67 14.43
CA LEU B 218 11.70 6.35 14.31
C LEU B 218 11.63 7.55 13.38
N ARG B 219 11.02 7.39 12.21
CA ARG B 219 11.11 8.46 11.22
C ARG B 219 10.44 9.74 11.71
N ALA B 220 9.52 9.64 12.66
CA ALA B 220 8.90 10.83 13.26
C ALA B 220 9.87 11.60 14.14
N GLY B 221 10.95 10.97 14.58
CA GLY B 221 11.97 11.63 15.38
C GLY B 221 13.21 12.01 14.62
N PHE B 222 13.24 11.78 13.27
CA PHE B 222 14.36 12.17 12.42
C PHE B 222 14.02 13.42 11.61
N PRO B 223 15.03 14.22 11.25
CA PRO B 223 14.78 15.39 10.39
C PRO B 223 14.10 14.98 9.08
N LYS B 224 13.20 15.85 8.61
CA LYS B 224 12.37 15.56 7.45
C LYS B 224 13.15 15.55 6.14
N ASP B 225 14.37 16.05 6.15
CA ASP B 225 15.24 16.05 4.99
C ASP B 225 16.08 14.79 4.87
N TRP B 226 16.19 14.00 5.93
CA TRP B 226 16.91 12.75 5.81
C TRP B 226 16.12 11.78 4.95
N VAL B 227 16.81 11.02 4.12
CA VAL B 227 16.15 9.90 3.45
C VAL B 227 16.13 8.73 4.42
N VAL B 228 14.94 8.23 4.71
CA VAL B 228 14.73 7.22 5.74
C VAL B 228 13.83 6.11 5.20
N GLY B 229 14.19 4.87 5.48
CA GLY B 229 13.29 3.76 5.25
C GLY B 229 13.47 2.75 6.37
N GLU B 230 12.37 2.12 6.74
CA GLU B 230 12.46 1.22 7.90
C GLU B 230 11.30 0.23 7.93
N LYS B 231 11.45 -0.78 8.80
CA LYS B 231 10.46 -1.81 9.07
C LYS B 231 10.22 -1.87 10.57
N THR B 232 8.95 -1.73 10.96
CA THR B 232 8.53 -1.75 12.35
C THR B 232 8.23 -3.19 12.78
N GLY B 233 8.11 -3.36 14.09
CA GLY B 233 7.62 -4.60 14.66
C GLY B 233 6.92 -4.32 15.97
N THR B 234 5.98 -5.20 16.31
CA THR B 234 5.26 -5.18 17.57
C THR B 234 5.15 -6.61 18.08
N CYS B 235 5.47 -6.81 19.36
CA CYS B 235 5.33 -8.09 20.01
C CYS B 235 4.50 -7.94 21.28
N ALA B 236 3.99 -9.08 21.74
CA ALA B 236 3.43 -9.19 23.08
C ALA B 236 4.48 -8.79 24.12
N ASN B 237 4.01 -8.53 25.34
CA ASN B 237 4.90 -8.19 26.44
C ASN B 237 5.71 -6.92 26.17
N GLY B 238 5.15 -6.03 25.36
CA GLY B 238 5.67 -4.68 25.24
C GLY B 238 6.78 -4.50 24.22
N GLY B 239 6.93 -5.39 23.26
CA GLY B 239 7.96 -5.24 22.24
C GLY B 239 7.54 -4.23 21.18
N ARG B 240 8.43 -3.28 20.88
CA ARG B 240 8.15 -2.30 19.83
C ARG B 240 9.48 -1.91 19.22
N ASN B 241 9.64 -2.18 17.91
CA ASN B 241 10.93 -2.12 17.24
C ASN B 241 10.81 -1.36 15.93
N ASP B 242 11.96 -0.92 15.43
CA ASP B 242 12.03 -0.26 14.11
C ASP B 242 13.47 -0.38 13.63
N ILE B 243 13.68 -0.95 12.44
CA ILE B 243 15.03 -1.11 11.88
C ILE B 243 15.04 -0.57 10.44
N GLY B 244 16.19 -0.04 10.02
CA GLY B 244 16.24 0.50 8.68
C GLY B 244 17.49 1.30 8.43
N PHE B 245 17.36 2.35 7.64
CA PHE B 245 18.49 3.17 7.24
C PHE B 245 18.10 4.63 7.26
N PHE B 246 19.11 5.47 7.33
CA PHE B 246 18.92 6.88 7.08
C PHE B 246 20.15 7.45 6.39
N LYS B 247 19.91 8.47 5.56
CA LYS B 247 20.97 9.20 4.86
C LYS B 247 20.93 10.63 5.35
N ALA B 248 22.06 11.08 5.91
CA ALA B 248 22.19 12.40 6.52
C ALA B 248 23.61 12.90 6.34
N GLN B 249 23.75 14.21 6.14
CA GLN B 249 25.05 14.86 6.00
C GLN B 249 25.94 14.14 4.98
N GLU B 250 25.32 13.71 3.87
CA GLU B 250 25.99 13.05 2.76
C GLU B 250 26.56 11.68 3.15
N ARG B 251 26.05 11.11 4.24
CA ARG B 251 26.52 9.83 4.76
CA ARG B 251 26.52 9.83 4.75
C ARG B 251 25.34 8.90 4.96
N ASP B 252 25.59 7.61 4.82
CA ASP B 252 24.57 6.58 4.96
CA ASP B 252 24.57 6.58 4.96
C ASP B 252 24.79 5.81 6.25
N TYR B 253 23.70 5.44 6.90
CA TYR B 253 23.73 4.72 8.16
C TYR B 253 22.67 3.62 8.16
N ALA B 254 22.98 2.53 8.85
CA ALA B 254 22.01 1.49 9.16
C ALA B 254 21.74 1.53 10.66
N VAL B 255 20.47 1.31 11.03
CA VAL B 255 20.05 1.49 12.42
C VAL B 255 19.09 0.39 12.81
N ALA B 256 19.25 -0.14 14.01
CA ALA B 256 18.29 -1.07 14.60
C ALA B 256 17.91 -0.57 15.98
N VAL B 257 16.60 -0.48 16.22
CA VAL B 257 16.06 -0.08 17.53
C VAL B 257 15.08 -1.14 17.98
N TYR B 258 15.35 -1.74 19.13
CA TYR B 258 14.49 -2.72 19.79
C TYR B 258 14.15 -2.18 21.18
N THR B 259 12.86 -2.17 21.53
CA THR B 259 12.46 -1.71 22.86
C THR B 259 11.50 -2.71 23.50
N THR B 260 11.53 -2.77 24.82
CA THR B 260 10.64 -3.61 25.63
C THR B 260 10.08 -2.69 26.71
N ALA B 261 8.77 -2.45 26.65
CA ALA B 261 8.11 -1.51 27.58
C ALA B 261 6.75 -2.08 27.93
N PRO B 262 6.73 -3.09 28.80
CA PRO B 262 5.47 -3.80 29.06
C PRO B 262 4.44 -2.95 29.77
N LYS B 263 4.83 -1.88 30.45
CA LYS B 263 3.87 -1.07 31.21
C LYS B 263 3.33 0.11 30.41
N LEU B 264 3.88 0.38 29.23
CA LEU B 264 3.38 1.46 28.41
C LEU B 264 2.18 1.01 27.59
N SER B 265 1.38 1.98 27.16
CA SER B 265 0.36 1.73 26.17
C SER B 265 0.99 1.67 24.78
N ALA B 266 0.21 1.24 23.79
CA ALA B 266 0.69 1.15 22.42
C ALA B 266 1.15 2.51 21.90
N VAL B 267 0.33 3.55 22.10
CA VAL B 267 0.70 4.87 21.61
C VAL B 267 1.96 5.37 22.34
N GLU B 268 2.05 5.07 23.64
CA GLU B 268 3.23 5.48 24.40
C GLU B 268 4.49 4.77 23.91
N ARG B 269 4.37 3.52 23.46
CA ARG B 269 5.52 2.83 22.88
C ARG B 269 5.95 3.46 21.56
N ASP B 270 4.99 3.91 20.74
CA ASP B 270 5.33 4.68 19.55
C ASP B 270 6.12 5.94 19.92
N GLU B 271 5.62 6.68 20.92
CA GLU B 271 6.33 7.90 21.34
C GLU B 271 7.73 7.56 21.82
N LEU B 272 7.87 6.42 22.50
CA LEU B 272 9.19 6.03 22.98
C LEU B 272 10.15 5.85 21.83
N VAL B 273 9.74 5.11 20.79
CA VAL B 273 10.60 4.90 19.64
C VAL B 273 10.88 6.23 18.93
N ALA B 274 9.86 7.08 18.78
CA ALA B 274 10.10 8.40 18.20
C ALA B 274 11.13 9.18 19.02
N SER B 275 11.03 9.11 20.35
CA SER B 275 11.97 9.81 21.21
C SER B 275 13.38 9.26 21.05
N VAL B 276 13.51 7.94 20.88
CA VAL B 276 14.82 7.38 20.56
C VAL B 276 15.32 7.94 19.24
N GLY B 277 14.43 8.05 18.24
CA GLY B 277 14.78 8.78 17.02
C GLY B 277 15.36 10.16 17.28
N GLN B 278 14.73 10.93 18.19
CA GLN B 278 15.24 12.26 18.51
C GLN B 278 16.61 12.19 19.13
N VAL B 279 16.85 11.18 19.99
CA VAL B 279 18.15 11.00 20.62
C VAL B 279 19.21 10.71 19.56
N ILE B 280 18.86 9.85 18.59
CA ILE B 280 19.76 9.55 17.48
C ILE B 280 20.04 10.81 16.69
N THR B 281 19.00 11.59 16.38
CA THR B 281 19.20 12.85 15.66
C THR B 281 20.19 13.77 16.36
N GLN B 282 20.05 13.94 17.68
CA GLN B 282 20.95 14.83 18.39
C GLN B 282 22.39 14.32 18.30
N LEU B 283 22.57 13.00 18.37
CA LEU B 283 23.91 12.44 18.24
C LEU B 283 24.49 12.74 16.86
N ILE B 284 23.72 12.43 15.81
CA ILE B 284 24.25 12.58 14.45
C ILE B 284 24.57 14.02 14.17
N LEU B 285 23.71 14.94 14.62
CA LEU B 285 23.90 16.35 14.31
C LEU B 285 25.02 17.01 15.13
N SER B 286 25.51 16.37 16.17
CA SER B 286 26.53 16.95 17.03
C SER B 286 27.93 16.78 16.45
#